data_7X4C
#
_entry.id   7X4C
#
_cell.length_a   41.322
_cell.length_b   57.104
_cell.length_c   64.845
_cell.angle_alpha   90.000
_cell.angle_beta   97.101
_cell.angle_gamma   90.000
#
_symmetry.space_group_name_H-M   'P 1 21 1'
#
loop_
_entity.id
_entity.type
_entity.pdbx_description
1 polymer EfCdnE
2 non-polymer 'L(+)-TARTARIC ACID'
3 water water
#
_entity_poly.entity_id   1
_entity_poly.type   'polypeptide(L)'
_entity_poly.pdbx_seq_one_letter_code
;MSKFSESTLSGWTKPASVTEEDRIENTISMIKSAIKNDNNFDNLVYEVFVQGSYGNNTNVRTNSDIDVNIMLTSTFYSKY
PEGKTNSDYGFTDGTITYNEYKNLILTALTNKFGTGNVTVGNKSIKITSNSYRVEADCIPSLLYRNYEYENSSSPNNYIE
GIKYFASDNTSVVNYPKVHINNGIEKNNQTHKNYKRLVRVIKRLRNKMTAENHFTNENITSFLIECLIWNVPNNYINDYD
TWDETIKQTLIFIKSSINDNSYKNWTEVSGMFYLFHNNRKWTSDDVSSFVNSLWSFMEYLEHHHHHH
;
_entity_poly.pdbx_strand_id   A
#
loop_
_chem_comp.id
_chem_comp.type
_chem_comp.name
_chem_comp.formula
TLA non-polymer 'L(+)-TARTARIC ACID' 'C4 H6 O6'
#
# COMPACT_ATOMS: atom_id res chain seq x y z
N SER A 2 19.48 20.70 -15.85
CA SER A 2 18.63 19.63 -15.33
C SER A 2 18.92 18.31 -16.03
N LYS A 3 18.94 17.23 -15.25
CA LYS A 3 19.26 15.91 -15.81
C LYS A 3 18.23 15.47 -16.84
N PHE A 4 16.95 15.65 -16.53
CA PHE A 4 15.85 15.22 -17.38
C PHE A 4 14.93 16.39 -17.69
N SER A 5 14.38 16.40 -18.91
CA SER A 5 13.45 17.43 -19.32
C SER A 5 12.13 17.31 -18.55
N GLU A 6 11.36 18.41 -18.58
CA GLU A 6 10.04 18.36 -17.95
C GLU A 6 9.10 17.41 -18.68
N SER A 7 9.21 17.29 -20.00
CA SER A 7 8.44 16.27 -20.71
C SER A 7 8.77 14.87 -20.18
N THR A 8 10.05 14.58 -19.95
CA THR A 8 10.46 13.26 -19.49
C THR A 8 9.95 13.00 -18.07
N LEU A 9 10.20 13.94 -17.16
CA LEU A 9 9.70 13.79 -15.79
C LEU A 9 8.18 13.65 -15.77
N SER A 10 7.48 14.49 -16.54
CA SER A 10 6.03 14.43 -16.56
C SER A 10 5.54 13.09 -17.08
N GLY A 11 6.18 12.56 -18.12
CA GLY A 11 5.84 11.22 -18.56
C GLY A 11 5.97 10.22 -17.43
N TRP A 12 7.00 10.38 -16.60
CA TRP A 12 7.20 9.46 -15.48
C TRP A 12 6.24 9.71 -14.31
N THR A 13 5.47 10.79 -14.33
CA THR A 13 4.42 10.96 -13.32
C THR A 13 3.10 10.31 -13.70
N LYS A 14 2.97 9.77 -14.92
CA LYS A 14 1.67 9.31 -15.38
C LYS A 14 1.28 8.01 -14.69
N PRO A 15 -0.02 7.81 -14.45
CA PRO A 15 -0.46 6.49 -14.01
C PRO A 15 -0.19 5.47 -15.11
N ALA A 16 0.15 4.25 -14.69
CA ALA A 16 0.27 3.17 -15.65
C ALA A 16 -0.99 3.05 -16.48
N SER A 17 -0.83 2.86 -17.79
CA SER A 17 -1.98 2.61 -18.64
C SER A 17 -2.70 1.35 -18.17
N VAL A 18 -4.01 1.31 -18.40
CA VAL A 18 -4.81 0.13 -18.11
C VAL A 18 -5.07 -0.57 -19.44
N THR A 19 -4.31 -1.64 -19.71
CA THR A 19 -4.45 -2.34 -20.98
C THR A 19 -5.85 -2.90 -21.18
N GLU A 20 -6.51 -3.30 -20.10
CA GLU A 20 -7.93 -3.64 -20.12
C GLU A 20 -8.69 -2.55 -19.35
N GLU A 21 -9.59 -1.86 -20.05
CA GLU A 21 -10.27 -0.70 -19.48
C GLU A 21 -10.99 -1.04 -18.17
N ASP A 22 -11.53 -2.25 -18.07
CA ASP A 22 -12.32 -2.66 -16.90
C ASP A 22 -11.59 -3.71 -16.07
N ARG A 23 -10.26 -3.65 -16.01
CA ARG A 23 -9.50 -4.71 -15.35
C ARG A 23 -9.84 -4.79 -13.86
N ILE A 24 -9.81 -3.65 -13.17
CA ILE A 24 -10.07 -3.66 -11.73
C ILE A 24 -11.48 -4.16 -11.44
N GLU A 25 -12.46 -3.60 -12.15
CA GLU A 25 -13.85 -3.97 -11.90
C GLU A 25 -14.10 -5.44 -12.23
N ASN A 26 -13.55 -5.92 -13.35
CA ASN A 26 -13.73 -7.32 -13.71
C ASN A 26 -13.04 -8.24 -12.72
N THR A 27 -11.84 -7.87 -12.26
CA THR A 27 -11.14 -8.68 -11.26
C THR A 27 -11.95 -8.79 -9.98
N ILE A 28 -12.40 -7.64 -9.46
CA ILE A 28 -13.23 -7.64 -8.26
C ILE A 28 -14.47 -8.50 -8.47
N SER A 29 -15.10 -8.37 -9.65
CA SER A 29 -16.35 -9.08 -9.91
C SER A 29 -16.12 -10.58 -9.99
N MET A 30 -15.04 -11.01 -10.61
CA MET A 30 -14.75 -12.45 -10.70
C MET A 30 -14.50 -13.05 -9.32
N ILE A 31 -13.74 -12.34 -8.48
CA ILE A 31 -13.49 -12.85 -7.13
C ILE A 31 -14.77 -12.87 -6.30
N LYS A 32 -15.56 -11.78 -6.39
CA LYS A 32 -16.85 -11.74 -5.71
C LYS A 32 -17.75 -12.88 -6.17
N SER A 33 -17.72 -13.21 -7.46
CA SER A 33 -18.55 -14.29 -7.97
C SER A 33 -18.12 -15.63 -7.39
N ALA A 34 -16.80 -15.82 -7.27
CA ALA A 34 -16.31 -17.05 -6.65
C ALA A 34 -16.85 -17.20 -5.23
N ILE A 35 -16.93 -16.09 -4.49
CA ILE A 35 -17.40 -16.17 -3.11
C ILE A 35 -18.93 -16.28 -3.03
N LYS A 36 -19.67 -15.45 -3.78
CA LYS A 36 -21.10 -15.37 -3.55
C LYS A 36 -21.81 -16.65 -3.95
N ASN A 37 -21.27 -17.38 -4.93
CA ASN A 37 -21.88 -18.64 -5.35
C ASN A 37 -21.46 -19.82 -4.51
N ASP A 38 -20.55 -19.63 -3.56
CA ASP A 38 -20.14 -20.68 -2.63
C ASP A 38 -21.08 -20.63 -1.43
N ASN A 39 -21.93 -21.67 -1.28
CA ASN A 39 -22.93 -21.69 -0.22
C ASN A 39 -22.32 -21.51 1.16
N ASN A 40 -21.05 -21.91 1.33
CA ASN A 40 -20.45 -21.84 2.65
C ASN A 40 -20.19 -20.43 3.14
N PHE A 41 -20.34 -19.42 2.27
CA PHE A 41 -20.27 -18.02 2.66
C PHE A 41 -21.65 -17.39 2.84
N ASP A 42 -22.74 -18.16 2.72
CA ASP A 42 -24.07 -17.58 2.70
C ASP A 42 -24.39 -16.80 3.97
N ASN A 43 -23.90 -17.26 5.12
CA ASN A 43 -24.19 -16.58 6.38
C ASN A 43 -23.11 -15.60 6.79
N LEU A 44 -22.16 -15.32 5.90
CA LEU A 44 -21.04 -14.45 6.21
C LEU A 44 -21.21 -13.09 5.54
N VAL A 45 -20.62 -12.08 6.18
CA VAL A 45 -20.57 -10.73 5.64
C VAL A 45 -19.11 -10.39 5.38
N TYR A 46 -18.82 -9.87 4.19
CA TYR A 46 -17.45 -9.72 3.73
C TYR A 46 -17.41 -8.68 2.63
N GLU A 47 -16.21 -8.17 2.36
CA GLU A 47 -15.98 -7.19 1.31
C GLU A 47 -14.80 -7.61 0.46
N VAL A 48 -14.86 -7.32 -0.84
CA VAL A 48 -13.76 -7.54 -1.76
C VAL A 48 -13.36 -6.17 -2.26
N PHE A 49 -12.14 -5.73 -1.93
CA PHE A 49 -11.76 -4.39 -2.35
C PHE A 49 -10.29 -4.34 -2.74
N VAL A 50 -9.95 -3.36 -3.57
CA VAL A 50 -8.57 -3.24 -4.05
C VAL A 50 -7.77 -2.37 -3.11
N GLN A 51 -6.55 -2.80 -2.81
CA GLN A 51 -5.62 -2.02 -1.99
C GLN A 51 -4.29 -1.88 -2.70
N GLY A 52 -3.24 -1.46 -1.99
CA GLY A 52 -1.93 -1.36 -2.61
C GLY A 52 -1.87 -0.25 -3.66
N SER A 53 -0.97 -0.44 -4.63
CA SER A 53 -0.76 0.58 -5.65
C SER A 53 -2.02 0.82 -6.48
N TYR A 54 -2.70 -0.25 -6.91
CA TYR A 54 -3.93 -0.07 -7.66
C TYR A 54 -5.00 0.63 -6.82
N GLY A 55 -5.13 0.24 -5.56
CA GLY A 55 -6.12 0.86 -4.70
C GLY A 55 -5.85 2.34 -4.47
N ASN A 56 -4.57 2.73 -4.46
CA ASN A 56 -4.19 4.12 -4.26
C ASN A 56 -3.92 4.87 -5.54
N ASN A 57 -4.16 4.25 -6.70
CA ASN A 57 -3.90 4.86 -8.01
C ASN A 57 -2.47 5.37 -8.11
N THR A 58 -1.52 4.61 -7.54
CA THR A 58 -0.11 4.92 -7.63
C THR A 58 0.65 3.84 -8.39
N ASN A 59 -0.05 2.92 -9.04
CA ASN A 59 0.61 1.87 -9.81
C ASN A 59 1.38 2.47 -10.99
N VAL A 60 2.62 2.01 -11.18
CA VAL A 60 3.47 2.52 -12.24
C VAL A 60 3.76 1.47 -13.30
N ARG A 61 3.33 0.22 -13.13
CA ARG A 61 3.56 -0.81 -14.14
C ARG A 61 2.28 -1.57 -14.43
N THR A 62 1.83 -1.48 -15.68
CA THR A 62 0.63 -2.19 -16.15
C THR A 62 0.73 -3.69 -15.90
N ASN A 63 1.95 -4.24 -15.91
CA ASN A 63 2.13 -5.67 -15.77
C ASN A 63 2.00 -6.15 -14.33
N SER A 64 1.97 -5.24 -13.35
CA SER A 64 1.99 -5.67 -11.95
C SER A 64 0.66 -6.28 -11.55
N ASP A 65 0.70 -7.14 -10.53
CA ASP A 65 -0.50 -7.83 -10.08
C ASP A 65 -1.32 -6.94 -9.17
N ILE A 66 -2.64 -7.17 -9.16
CA ILE A 66 -3.54 -6.35 -8.34
C ILE A 66 -3.62 -6.95 -6.94
N ASP A 67 -3.42 -6.13 -5.91
CA ASP A 67 -3.65 -6.54 -4.52
C ASP A 67 -5.15 -6.43 -4.22
N VAL A 68 -5.79 -7.56 -3.93
CA VAL A 68 -7.22 -7.61 -3.65
C VAL A 68 -7.40 -8.16 -2.25
N ASN A 69 -8.06 -7.41 -1.39
CA ASN A 69 -8.35 -7.86 -0.04
C ASN A 69 -9.74 -8.48 -0.01
N ILE A 70 -9.85 -9.70 0.55
CA ILE A 70 -11.13 -10.33 0.82
C ILE A 70 -11.29 -10.33 2.33
N MET A 71 -12.08 -9.38 2.84
CA MET A 71 -12.14 -9.04 4.25
C MET A 71 -13.45 -9.52 4.84
N LEU A 72 -13.37 -10.47 5.77
CA LEU A 72 -14.53 -10.91 6.52
C LEU A 72 -14.88 -9.87 7.58
N THR A 73 -16.17 -9.51 7.69
CA THR A 73 -16.58 -8.54 8.70
C THR A 73 -17.61 -9.06 9.71
N SER A 74 -18.33 -10.14 9.42
CA SER A 74 -19.26 -10.68 10.40
C SER A 74 -18.52 -11.31 11.58
N THR A 75 -17.28 -11.71 11.38
CA THR A 75 -16.33 -12.05 12.43
C THR A 75 -15.13 -11.15 12.28
N PHE A 76 -14.60 -10.66 13.40
CA PHE A 76 -13.56 -9.64 13.34
C PHE A 76 -12.62 -9.77 14.52
N TYR A 77 -11.48 -9.08 14.41
CA TYR A 77 -10.56 -8.86 15.50
C TYR A 77 -10.75 -7.44 16.04
N SER A 78 -10.25 -7.21 17.25
CA SER A 78 -10.45 -5.93 17.91
C SER A 78 -9.22 -5.55 18.70
N LYS A 79 -9.02 -4.23 18.83
CA LYS A 79 -8.07 -3.67 19.78
C LYS A 79 -8.85 -2.80 20.75
N TYR A 80 -8.85 -3.17 22.02
CA TYR A 80 -9.67 -2.49 23.02
C TYR A 80 -8.82 -1.54 23.86
N PRO A 81 -9.44 -0.55 24.49
CA PRO A 81 -8.75 0.20 25.54
C PRO A 81 -8.31 -0.70 26.67
N GLU A 82 -7.40 -0.18 27.49
CA GLU A 82 -6.81 -0.96 28.58
C GLU A 82 -7.88 -1.52 29.50
N GLY A 83 -7.77 -2.81 29.81
CA GLY A 83 -8.65 -3.45 30.77
C GLY A 83 -9.98 -3.94 30.22
N LYS A 84 -10.27 -3.70 28.94
CA LYS A 84 -11.53 -4.12 28.34
C LYS A 84 -11.35 -5.41 27.56
N THR A 85 -12.42 -6.21 27.50
CA THR A 85 -12.42 -7.50 26.79
C THR A 85 -13.64 -7.56 25.87
N ASN A 86 -13.74 -8.67 25.12
CA ASN A 86 -14.87 -8.86 24.21
C ASN A 86 -16.20 -8.67 24.92
N SER A 87 -16.34 -9.23 26.13
CA SER A 87 -17.62 -9.20 26.81
C SER A 87 -18.03 -7.79 27.23
N ASP A 88 -17.09 -6.85 27.30
CA ASP A 88 -17.45 -5.45 27.56
C ASP A 88 -18.15 -4.79 26.37
N TYR A 89 -18.04 -5.40 25.19
CA TYR A 89 -18.72 -4.91 24.00
C TYR A 89 -19.80 -5.88 23.53
N GLY A 90 -20.07 -6.92 24.31
CA GLY A 90 -21.06 -7.92 23.93
C GLY A 90 -20.62 -8.88 22.85
N PHE A 91 -19.32 -9.03 22.63
CA PHE A 91 -18.79 -9.81 21.53
C PHE A 91 -18.31 -11.18 22.02
N THR A 92 -18.38 -12.15 21.12
CA THR A 92 -17.79 -13.47 21.36
C THR A 92 -16.39 -13.53 20.77
N ASP A 93 -15.71 -14.66 21.04
CA ASP A 93 -14.39 -14.85 20.48
C ASP A 93 -14.41 -15.07 18.98
N GLY A 94 -15.57 -15.33 18.39
CA GLY A 94 -15.70 -15.49 16.96
C GLY A 94 -16.27 -16.83 16.56
N THR A 95 -17.21 -16.83 15.62
CA THR A 95 -17.83 -18.06 15.16
C THR A 95 -17.00 -18.79 14.12
N ILE A 96 -15.90 -18.21 13.65
CA ILE A 96 -15.04 -18.85 12.66
C ILE A 96 -13.64 -18.30 12.87
N THR A 97 -12.64 -19.18 12.78
CA THR A 97 -11.26 -18.77 12.96
C THR A 97 -10.68 -18.28 11.63
N TYR A 98 -9.51 -17.64 11.71
CA TYR A 98 -8.86 -17.17 10.50
C TYR A 98 -8.53 -18.33 9.57
N ASN A 99 -7.99 -19.43 10.11
CA ASN A 99 -7.60 -20.54 9.25
C ASN A 99 -8.81 -21.19 8.59
N GLU A 100 -9.92 -21.33 9.32
CA GLU A 100 -11.13 -21.88 8.72
C GLU A 100 -11.63 -20.98 7.59
N TYR A 101 -11.61 -19.67 7.80
CA TYR A 101 -12.01 -18.72 6.78
C TYR A 101 -11.10 -18.80 5.56
N LYS A 102 -9.78 -18.86 5.79
CA LYS A 102 -8.83 -18.98 4.70
C LYS A 102 -9.08 -20.25 3.90
N ASN A 103 -9.41 -21.36 4.57
CA ASN A 103 -9.67 -22.60 3.86
C ASN A 103 -10.95 -22.52 3.04
N LEU A 104 -11.98 -21.84 3.56
CA LEU A 104 -13.18 -21.59 2.76
C LEU A 104 -12.84 -20.76 1.52
N ILE A 105 -12.02 -19.71 1.70
CA ILE A 105 -11.61 -18.88 0.58
C ILE A 105 -10.86 -19.70 -0.44
N LEU A 106 -9.95 -20.56 0.02
CA LEU A 106 -9.18 -21.41 -0.89
C LEU A 106 -10.10 -22.31 -1.71
N THR A 107 -11.09 -22.93 -1.06
CA THR A 107 -12.04 -23.76 -1.79
C THR A 107 -12.80 -22.94 -2.83
N ALA A 108 -13.27 -21.75 -2.47
CA ALA A 108 -14.06 -20.95 -3.40
C ALA A 108 -13.21 -20.54 -4.60
N LEU A 109 -11.99 -20.06 -4.35
CA LEU A 109 -11.10 -19.65 -5.43
C LEU A 109 -10.68 -20.84 -6.29
N THR A 110 -10.52 -22.02 -5.68
CA THR A 110 -10.12 -23.19 -6.45
C THR A 110 -11.25 -23.65 -7.37
N ASN A 111 -12.49 -23.62 -6.88
CA ASN A 111 -13.61 -23.97 -7.74
C ASN A 111 -13.75 -22.98 -8.88
N LYS A 112 -13.48 -21.69 -8.62
CA LYS A 112 -13.64 -20.70 -9.69
C LYS A 112 -12.50 -20.78 -10.71
N PHE A 113 -11.25 -20.84 -10.25
CA PHE A 113 -10.10 -20.62 -11.11
C PHE A 113 -9.26 -21.87 -11.39
N GLY A 114 -9.42 -22.94 -10.63
CA GLY A 114 -8.67 -24.16 -10.86
C GLY A 114 -7.47 -24.34 -9.95
N THR A 115 -7.24 -25.58 -9.48
CA THR A 115 -6.20 -25.81 -8.48
C THR A 115 -4.81 -25.45 -8.99
N GLY A 116 -4.55 -25.63 -10.28
CA GLY A 116 -3.26 -25.27 -10.83
C GLY A 116 -3.04 -23.78 -11.03
N ASN A 117 -4.07 -22.97 -10.80
CA ASN A 117 -3.99 -21.52 -10.96
C ASN A 117 -4.15 -20.78 -9.64
N VAL A 118 -4.11 -21.49 -8.54
CA VAL A 118 -4.19 -20.92 -7.20
C VAL A 118 -2.93 -21.34 -6.46
N THR A 119 -2.17 -20.36 -5.96
CA THR A 119 -0.91 -20.65 -5.28
C THR A 119 -0.88 -19.91 -3.95
N VAL A 120 -0.79 -20.64 -2.84
CA VAL A 120 -0.70 -20.00 -1.54
C VAL A 120 0.72 -19.50 -1.34
N GLY A 121 0.87 -18.18 -1.15
CA GLY A 121 2.13 -17.60 -0.75
C GLY A 121 2.16 -17.30 0.74
N ASN A 122 3.29 -16.74 1.18
CA ASN A 122 3.43 -16.43 2.60
C ASN A 122 2.40 -15.41 3.04
N LYS A 123 2.13 -14.40 2.21
CA LYS A 123 1.26 -13.29 2.58
C LYS A 123 -0.05 -13.24 1.81
N SER A 124 -0.17 -13.95 0.69
CA SER A 124 -1.35 -13.82 -0.15
C SER A 124 -1.51 -15.07 -1.01
N ILE A 125 -2.66 -15.17 -1.63
CA ILE A 125 -3.04 -16.26 -2.53
C ILE A 125 -3.00 -15.71 -3.95
N LYS A 126 -2.10 -16.23 -4.77
CA LYS A 126 -1.94 -15.73 -6.13
C LYS A 126 -2.88 -16.47 -7.06
N ILE A 127 -3.68 -15.70 -7.80
CA ILE A 127 -4.55 -16.20 -8.86
C ILE A 127 -3.95 -15.75 -10.18
N THR A 128 -3.71 -16.72 -11.06
CA THR A 128 -3.19 -16.51 -12.41
C THR A 128 -4.16 -17.19 -13.37
N SER A 129 -5.32 -16.57 -13.57
CA SER A 129 -6.40 -17.13 -14.37
C SER A 129 -6.39 -16.50 -15.76
N ASN A 130 -5.84 -17.22 -16.73
CA ASN A 130 -5.97 -16.82 -18.12
C ASN A 130 -7.41 -16.86 -18.58
N SER A 131 -8.18 -17.83 -18.07
CA SER A 131 -9.55 -18.03 -18.55
C SER A 131 -10.44 -16.85 -18.19
N TYR A 132 -10.29 -16.30 -16.98
CA TYR A 132 -11.13 -15.20 -16.51
C TYR A 132 -10.40 -13.87 -16.48
N ARG A 133 -9.16 -13.81 -16.96
CA ARG A 133 -8.37 -12.58 -17.00
C ARG A 133 -8.20 -12.00 -15.59
N VAL A 134 -7.65 -12.82 -14.70
CA VAL A 134 -7.44 -12.41 -13.30
C VAL A 134 -5.98 -12.63 -12.94
N GLU A 135 -5.24 -11.53 -12.72
CA GLU A 135 -3.84 -11.56 -12.27
C GLU A 135 -3.78 -10.84 -10.93
N ALA A 136 -4.07 -11.58 -9.86
CA ALA A 136 -4.33 -10.92 -8.60
C ALA A 136 -3.69 -11.66 -7.43
N ASP A 137 -3.20 -10.89 -6.46
CA ASP A 137 -2.78 -11.41 -5.17
C ASP A 137 -3.90 -11.10 -4.19
N CYS A 138 -4.58 -12.15 -3.73
CA CYS A 138 -5.70 -12.01 -2.82
C CYS A 138 -5.22 -12.19 -1.39
N ILE A 139 -5.57 -11.24 -0.54
CA ILE A 139 -5.24 -11.29 0.88
C ILE A 139 -6.53 -11.55 1.65
N PRO A 140 -6.80 -12.78 2.07
CA PRO A 140 -7.91 -13.00 3.02
C PRO A 140 -7.55 -12.36 4.35
N SER A 141 -8.45 -11.54 4.86
CA SER A 141 -8.25 -10.84 6.12
C SER A 141 -9.55 -10.85 6.90
N LEU A 142 -9.45 -10.57 8.19
CA LEU A 142 -10.60 -10.22 9.02
C LEU A 142 -10.54 -8.74 9.33
N LEU A 143 -11.69 -8.08 9.34
CA LEU A 143 -11.74 -6.68 9.74
C LEU A 143 -11.15 -6.53 11.14
N TYR A 144 -10.46 -5.42 11.37
CA TYR A 144 -9.79 -5.14 12.63
C TYR A 144 -10.39 -3.86 13.21
N ARG A 145 -11.14 -3.99 14.30
CA ARG A 145 -11.80 -2.85 14.93
C ARG A 145 -10.87 -2.27 15.99
N ASN A 146 -10.30 -1.10 15.72
CA ASN A 146 -9.43 -0.43 16.67
C ASN A 146 -10.27 0.55 17.48
N TYR A 147 -10.65 0.14 18.69
CA TYR A 147 -11.34 1.02 19.62
C TYR A 147 -10.39 1.83 20.48
N GLU A 148 -9.12 1.42 20.56
CA GLU A 148 -8.19 2.08 21.46
C GLU A 148 -7.70 3.42 20.92
N TYR A 149 -7.58 3.55 19.60
CA TYR A 149 -6.96 4.74 19.02
C TYR A 149 -7.70 6.01 19.44
N GLU A 150 -9.03 6.00 19.42
CA GLU A 150 -9.80 7.14 19.90
C GLU A 150 -10.46 6.88 21.26
N ASN A 151 -10.14 5.75 21.90
CA ASN A 151 -10.75 5.35 23.18
C ASN A 151 -12.27 5.38 23.09
N SER A 152 -12.79 4.53 22.22
CA SER A 152 -14.22 4.40 22.02
C SER A 152 -14.76 3.23 22.84
N SER A 153 -15.80 3.49 23.61
CA SER A 153 -16.58 2.42 24.23
C SER A 153 -17.83 2.08 23.43
N SER A 154 -18.17 2.88 22.42
CA SER A 154 -19.32 2.57 21.57
C SER A 154 -18.94 1.48 20.58
N PRO A 155 -19.63 0.33 20.57
CA PRO A 155 -19.25 -0.77 19.67
C PRO A 155 -19.20 -0.38 18.20
N ASN A 156 -19.92 0.66 17.80
CA ASN A 156 -19.97 1.07 16.40
C ASN A 156 -18.97 2.16 16.03
N ASN A 157 -18.18 2.64 16.99
CA ASN A 157 -17.20 3.69 16.76
C ASN A 157 -15.81 3.10 16.89
N TYR A 158 -15.11 2.93 15.77
CA TYR A 158 -13.76 2.39 15.78
C TYR A 158 -13.05 2.80 14.49
N ILE A 159 -11.73 2.67 14.49
CA ILE A 159 -10.96 2.81 13.26
C ILE A 159 -10.89 1.44 12.60
N GLU A 160 -11.20 1.37 11.32
CA GLU A 160 -11.32 0.10 10.63
C GLU A 160 -10.02 -0.24 9.91
N GLY A 161 -9.40 -1.35 10.31
CA GLY A 161 -8.30 -1.92 9.57
C GLY A 161 -8.58 -3.36 9.19
N ILE A 162 -7.51 -4.11 8.92
CA ILE A 162 -7.58 -5.52 8.57
C ILE A 162 -6.46 -6.25 9.30
N LYS A 163 -6.68 -7.54 9.54
CA LYS A 163 -5.69 -8.37 10.20
C LYS A 163 -5.72 -9.74 9.55
N TYR A 164 -4.54 -10.27 9.25
CA TYR A 164 -4.44 -11.63 8.75
C TYR A 164 -3.21 -12.30 9.35
N PHE A 165 -3.04 -13.58 9.05
CA PHE A 165 -1.89 -14.34 9.50
C PHE A 165 -1.15 -14.84 8.27
N ALA A 166 0.14 -14.54 8.20
CA ALA A 166 0.98 -15.06 7.14
C ALA A 166 1.08 -16.59 7.25
N SER A 167 1.68 -17.19 6.22
CA SER A 167 1.80 -18.65 6.18
C SER A 167 2.59 -19.20 7.35
N ASP A 168 3.47 -18.40 7.96
CA ASP A 168 4.19 -18.79 9.16
C ASP A 168 3.42 -18.50 10.44
N ASN A 169 2.16 -18.11 10.31
CA ASN A 169 1.25 -17.82 11.43
C ASN A 169 1.64 -16.58 12.21
N THR A 170 2.49 -15.72 11.66
CA THR A 170 2.70 -14.42 12.26
C THR A 170 1.60 -13.46 11.83
N SER A 171 1.31 -12.49 12.69
CA SER A 171 0.18 -11.59 12.54
C SER A 171 0.58 -10.36 11.73
N VAL A 172 -0.36 -9.85 10.94
CA VAL A 172 -0.17 -8.63 10.16
C VAL A 172 -1.43 -7.78 10.28
N VAL A 173 -1.24 -6.52 10.70
CA VAL A 173 -2.32 -5.55 10.83
C VAL A 173 -2.03 -4.38 9.90
N ASN A 174 -3.01 -4.01 9.08
CA ASN A 174 -2.87 -2.88 8.17
C ASN A 174 -4.15 -2.07 8.19
N TYR A 175 -4.08 -0.84 7.66
CA TYR A 175 -5.25 0.03 7.54
C TYR A 175 -5.35 0.52 6.11
N PRO A 176 -5.62 -0.39 5.16
CA PRO A 176 -5.60 0.00 3.74
C PRO A 176 -6.63 1.05 3.38
N LYS A 177 -7.82 1.00 3.98
CA LYS A 177 -8.85 1.96 3.66
C LYS A 177 -8.48 3.35 4.17
N VAL A 178 -7.92 3.42 5.38
CA VAL A 178 -7.51 4.70 5.96
C VAL A 178 -6.36 5.29 5.14
N HIS A 179 -5.39 4.45 4.77
CA HIS A 179 -4.35 4.83 3.83
C HIS A 179 -4.93 5.44 2.56
N ILE A 180 -5.88 4.73 1.92
CA ILE A 180 -6.45 5.21 0.66
C ILE A 180 -7.13 6.56 0.86
N ASN A 181 -7.92 6.68 1.93
CA ASN A 181 -8.63 7.92 2.20
C ASN A 181 -7.68 9.09 2.40
N ASN A 182 -6.65 8.88 3.21
CA ASN A 182 -5.70 9.95 3.50
C ASN A 182 -4.92 10.34 2.25
N GLY A 183 -4.58 9.36 1.40
CA GLY A 183 -3.87 9.68 0.18
C GLY A 183 -4.73 10.49 -0.78
N ILE A 184 -6.02 10.15 -0.86
CA ILE A 184 -6.93 10.95 -1.66
C ILE A 184 -6.99 12.37 -1.14
N GLU A 185 -7.07 12.53 0.19
CA GLU A 185 -7.11 13.86 0.76
C GLU A 185 -5.87 14.67 0.38
N LYS A 186 -4.69 14.07 0.51
CA LYS A 186 -3.48 14.83 0.18
C LYS A 186 -3.42 15.17 -1.31
N ASN A 187 -3.89 14.24 -2.16
CA ASN A 187 -3.97 14.55 -3.59
C ASN A 187 -4.90 15.73 -3.83
N ASN A 188 -6.03 15.78 -3.11
CA ASN A 188 -6.97 16.89 -3.27
C ASN A 188 -6.35 18.20 -2.80
N GLN A 189 -5.43 18.14 -1.84
CA GLN A 189 -4.78 19.35 -1.33
C GLN A 189 -3.60 19.81 -2.19
N THR A 190 -3.18 19.02 -3.17
CA THR A 190 -1.99 19.32 -3.95
C THR A 190 -2.26 19.33 -5.45
N HIS A 191 -3.51 19.57 -5.85
CA HIS A 191 -3.87 19.68 -7.26
C HIS A 191 -3.47 18.42 -8.03
N LYS A 192 -3.62 17.27 -7.36
CA LYS A 192 -3.30 15.93 -7.87
C LYS A 192 -1.81 15.70 -8.04
N ASN A 193 -0.95 16.56 -7.50
CA ASN A 193 0.49 16.37 -7.68
C ASN A 193 1.11 15.42 -6.67
N TYR A 194 0.45 15.13 -5.55
CA TYR A 194 1.02 14.18 -4.59
C TYR A 194 1.27 12.82 -5.23
N LYS A 195 0.25 12.26 -5.87
CA LYS A 195 0.42 10.92 -6.45
C LYS A 195 1.32 10.95 -7.69
N ARG A 196 1.30 12.05 -8.44
CA ARG A 196 2.28 12.21 -9.51
C ARG A 196 3.70 12.14 -8.98
N LEU A 197 3.97 12.82 -7.85
CA LEU A 197 5.29 12.78 -7.25
C LEU A 197 5.65 11.37 -6.81
N VAL A 198 4.70 10.67 -6.18
CA VAL A 198 4.93 9.27 -5.79
C VAL A 198 5.37 8.46 -7.00
N ARG A 199 4.62 8.57 -8.09
CA ARG A 199 4.90 7.77 -9.29
C ARG A 199 6.28 8.07 -9.87
N VAL A 200 6.66 9.35 -9.97
CA VAL A 200 7.96 9.64 -10.58
C VAL A 200 9.10 9.18 -9.68
N ILE A 201 8.95 9.30 -8.35
CA ILE A 201 10.03 8.82 -7.49
C ILE A 201 10.19 7.31 -7.61
N LYS A 202 9.07 6.57 -7.69
CA LYS A 202 9.19 5.12 -7.92
C LYS A 202 9.86 4.82 -9.25
N ARG A 203 9.52 5.56 -10.29
CA ARG A 203 10.14 5.27 -11.58
C ARG A 203 11.63 5.62 -11.57
N LEU A 204 12.03 6.67 -10.86
CA LEU A 204 13.44 6.99 -10.74
C LEU A 204 14.18 5.94 -9.93
N ARG A 205 13.56 5.40 -8.88
CA ARG A 205 14.14 4.27 -8.16
C ARG A 205 14.42 3.12 -9.11
N ASN A 206 13.41 2.76 -9.91
CA ASN A 206 13.58 1.67 -10.85
C ASN A 206 14.70 1.96 -11.83
N LYS A 207 14.78 3.20 -12.31
CA LYS A 207 15.80 3.56 -13.28
C LYS A 207 17.19 3.51 -12.67
N MET A 208 17.32 3.93 -11.41
CA MET A 208 18.61 3.82 -10.73
C MET A 208 19.04 2.37 -10.61
N THR A 209 18.08 1.47 -10.36
CA THR A 209 18.43 0.06 -10.30
C THR A 209 18.81 -0.48 -11.68
N ALA A 210 18.05 -0.11 -12.71
CA ALA A 210 18.23 -0.65 -14.05
C ALA A 210 19.55 -0.20 -14.66
N GLU A 211 20.02 0.98 -14.30
CA GLU A 211 21.22 1.54 -14.89
C GLU A 211 22.40 1.50 -13.92
N ASN A 212 22.30 0.64 -12.90
CA ASN A 212 23.41 0.27 -12.02
C ASN A 212 23.96 1.46 -11.27
N HIS A 213 23.08 2.40 -10.91
CA HIS A 213 23.48 3.55 -10.10
C HIS A 213 23.30 3.28 -8.61
N PHE A 214 22.22 2.60 -8.25
CA PHE A 214 21.89 2.35 -6.85
C PHE A 214 20.84 1.27 -6.79
N THR A 215 21.03 0.31 -5.88
CA THR A 215 20.07 -0.75 -5.65
C THR A 215 19.94 -0.99 -4.15
N ASN A 216 18.71 -1.00 -3.65
CA ASN A 216 18.46 -1.32 -2.25
C ASN A 216 17.06 -1.92 -2.17
N GLU A 217 16.99 -3.23 -1.90
CA GLU A 217 15.73 -3.96 -1.94
C GLU A 217 14.78 -3.55 -0.82
N ASN A 218 15.24 -2.76 0.14
CA ASN A 218 14.38 -2.34 1.24
C ASN A 218 13.58 -1.09 0.91
N ILE A 219 13.88 -0.41 -0.20
CA ILE A 219 13.15 0.79 -0.61
C ILE A 219 11.93 0.30 -1.39
N THR A 220 10.86 0.01 -0.67
CA THR A 220 9.66 -0.54 -1.29
C THR A 220 8.76 0.57 -1.83
N SER A 221 7.80 0.17 -2.67
CA SER A 221 6.85 1.14 -3.20
C SER A 221 6.00 1.74 -2.08
N PHE A 222 5.61 0.92 -1.11
CA PHE A 222 4.87 1.43 0.04
C PHE A 222 5.68 2.47 0.81
N LEU A 223 6.97 2.18 1.02
CA LEU A 223 7.84 3.13 1.71
C LEU A 223 7.90 4.44 0.96
N ILE A 224 8.08 4.38 -0.36
CA ILE A 224 8.21 5.61 -1.13
C ILE A 224 6.93 6.43 -1.06
N GLU A 225 5.78 5.77 -1.21
CA GLU A 225 4.50 6.45 -1.08
C GLU A 225 4.39 7.15 0.27
N CYS A 226 4.79 6.45 1.34
CA CYS A 226 4.70 7.03 2.68
C CYS A 226 5.66 8.20 2.85
N LEU A 227 6.86 8.10 2.27
CA LEU A 227 7.82 9.20 2.35
C LEU A 227 7.25 10.44 1.69
N ILE A 228 6.73 10.29 0.47
CA ILE A 228 6.22 11.45 -0.25
C ILE A 228 5.00 12.01 0.45
N TRP A 229 4.18 11.15 1.07
CA TRP A 229 3.01 11.64 1.80
C TRP A 229 3.42 12.53 2.97
N ASN A 230 4.61 12.31 3.54
CA ASN A 230 5.14 13.14 4.62
C ASN A 230 5.78 14.44 4.14
N VAL A 231 5.90 14.66 2.84
CA VAL A 231 6.43 15.91 2.31
C VAL A 231 5.35 16.98 2.46
N PRO A 232 5.60 18.05 3.21
CA PRO A 232 4.56 19.08 3.39
C PRO A 232 4.05 19.62 2.05
N ASN A 233 2.76 19.94 2.01
CA ASN A 233 2.12 20.32 0.75
C ASN A 233 2.76 21.52 0.09
N ASN A 234 3.44 22.40 0.83
CA ASN A 234 4.07 23.55 0.19
C ASN A 234 5.21 23.14 -0.73
N TYR A 235 5.94 22.08 -0.40
CA TYR A 235 6.99 21.64 -1.31
C TYR A 235 6.44 21.10 -2.62
N ILE A 236 5.16 20.77 -2.66
CA ILE A 236 4.53 20.29 -3.89
C ILE A 236 3.79 21.42 -4.61
N ASN A 237 3.18 22.33 -3.86
CA ASN A 237 2.34 23.38 -4.42
C ASN A 237 3.11 24.64 -4.79
N ASP A 238 4.33 24.84 -4.29
CA ASP A 238 5.01 26.12 -4.44
C ASP A 238 5.93 26.19 -5.65
N TYR A 239 6.11 25.09 -6.38
CA TYR A 239 7.12 25.04 -7.43
C TYR A 239 6.46 24.78 -8.77
N ASP A 240 7.14 25.22 -9.84
CA ASP A 240 6.57 25.21 -11.18
C ASP A 240 7.21 24.19 -12.10
N THR A 241 8.09 23.34 -11.58
CA THR A 241 8.67 22.26 -12.37
C THR A 241 8.76 21.01 -11.52
N TRP A 242 8.72 19.85 -12.19
CA TRP A 242 8.98 18.59 -11.51
C TRP A 242 10.43 18.50 -11.05
N ASP A 243 11.37 19.05 -11.82
CA ASP A 243 12.76 19.04 -11.40
C ASP A 243 12.92 19.69 -10.03
N GLU A 244 12.34 20.88 -9.86
CA GLU A 244 12.46 21.59 -8.59
C GLU A 244 11.68 20.90 -7.48
N THR A 245 10.51 20.34 -7.81
CA THR A 245 9.73 19.63 -6.81
C THR A 245 10.52 18.46 -6.24
N ILE A 246 11.16 17.68 -7.11
CA ILE A 246 11.96 16.56 -6.64
C ILE A 246 13.16 17.06 -5.85
N LYS A 247 13.82 18.13 -6.34
CA LYS A 247 14.96 18.67 -5.60
C LYS A 247 14.57 19.02 -4.17
N GLN A 248 13.46 19.77 -4.01
CA GLN A 248 13.04 20.18 -2.67
C GLN A 248 12.57 18.99 -1.84
N THR A 249 11.98 17.98 -2.48
CA THR A 249 11.61 16.77 -1.77
C THR A 249 12.83 16.08 -1.17
N LEU A 250 13.90 15.97 -1.95
CA LEU A 250 15.10 15.31 -1.46
C LEU A 250 15.75 16.13 -0.35
N ILE A 251 15.78 17.46 -0.50
CA ILE A 251 16.33 18.31 0.54
C ILE A 251 15.56 18.11 1.84
N PHE A 252 14.23 18.10 1.75
CA PHE A 252 13.40 17.96 2.95
C PHE A 252 13.59 16.61 3.62
N ILE A 253 13.58 15.52 2.84
CA ILE A 253 13.72 14.20 3.45
C ILE A 253 15.09 14.06 4.12
N LYS A 254 16.16 14.51 3.45
CA LYS A 254 17.48 14.48 4.07
C LYS A 254 17.49 15.27 5.37
N SER A 255 16.93 16.49 5.35
CA SER A 255 16.95 17.33 6.55
C SER A 255 16.15 16.67 7.68
N SER A 256 15.05 16.00 7.33
CA SER A 256 14.18 15.39 8.32
C SER A 256 14.79 14.13 8.92
N ILE A 257 15.61 13.40 8.16
CA ILE A 257 16.36 12.31 8.77
C ILE A 257 17.46 12.85 9.66
N ASN A 258 18.16 13.89 9.19
CA ASN A 258 19.30 14.41 9.93
C ASN A 258 18.90 15.03 11.27
N ASP A 259 17.71 15.63 11.37
CA ASP A 259 17.29 16.30 12.59
C ASP A 259 16.38 15.43 13.47
N ASN A 260 16.19 14.16 13.10
CA ASN A 260 15.46 13.13 13.84
C ASN A 260 13.95 13.34 13.86
N SER A 261 13.42 14.32 13.13
CA SER A 261 11.97 14.48 13.08
C SER A 261 11.30 13.34 12.34
N TYR A 262 12.04 12.62 11.50
CA TYR A 262 11.49 11.45 10.82
C TYR A 262 10.95 10.42 11.79
N LYS A 263 11.42 10.42 13.04
CA LYS A 263 10.95 9.47 14.03
C LYS A 263 9.49 9.68 14.39
N ASN A 264 8.92 10.83 14.07
CA ASN A 264 7.51 11.05 14.34
C ASN A 264 6.63 10.82 13.13
N TRP A 265 7.22 10.55 11.97
CA TRP A 265 6.44 10.31 10.76
C TRP A 265 5.64 9.02 10.87
N THR A 266 4.37 9.08 10.52
CA THR A 266 3.57 7.88 10.36
C THR A 266 3.55 7.44 8.91
N GLU A 267 3.06 6.22 8.69
CA GLU A 267 2.62 5.83 7.36
C GLU A 267 1.39 6.65 6.97
N VAL A 268 0.94 6.49 5.72
CA VAL A 268 -0.17 7.31 5.22
C VAL A 268 -1.41 7.16 6.10
N SER A 269 -1.65 5.95 6.62
CA SER A 269 -2.84 5.71 7.43
C SER A 269 -2.80 6.42 8.78
N GLY A 270 -1.62 6.88 9.21
CA GLY A 270 -1.46 7.48 10.53
C GLY A 270 -1.53 6.52 11.69
N MET A 271 -1.63 5.20 11.44
CA MET A 271 -1.85 4.23 12.50
C MET A 271 -0.59 3.51 12.93
N PHE A 272 0.52 3.65 12.21
CA PHE A 272 1.81 3.12 12.62
C PHE A 272 2.89 4.13 12.24
N TYR A 273 4.02 4.07 12.94
CA TYR A 273 5.14 4.92 12.55
C TYR A 273 5.84 4.35 11.33
N LEU A 274 6.38 5.25 10.51
CA LEU A 274 7.00 4.82 9.26
C LEU A 274 8.33 4.13 9.50
N PHE A 275 9.12 4.62 10.44
CA PHE A 275 10.42 4.05 10.78
C PHE A 275 10.31 3.38 12.14
N HIS A 276 10.61 2.09 12.21
CA HIS A 276 10.78 1.43 13.49
C HIS A 276 11.57 0.14 13.28
N ASN A 277 11.89 -0.54 14.39
CA ASN A 277 12.89 -1.61 14.33
C ASN A 277 12.37 -2.87 13.66
N ASN A 278 11.09 -2.95 13.32
CA ASN A 278 10.56 -4.12 12.62
C ASN A 278 10.13 -3.79 11.19
N ARG A 279 10.43 -2.59 10.70
CA ARG A 279 10.29 -2.33 9.28
C ARG A 279 11.43 -2.97 8.51
N LYS A 280 11.18 -3.26 7.24
CA LYS A 280 12.22 -3.83 6.39
C LYS A 280 13.36 -2.84 6.17
N TRP A 281 13.05 -1.56 6.14
CA TRP A 281 13.99 -0.48 5.88
C TRP A 281 14.49 0.12 7.18
N THR A 282 15.61 0.80 7.08
CA THR A 282 16.14 1.61 8.18
C THR A 282 16.23 3.05 7.72
N SER A 283 16.49 3.95 8.67
CA SER A 283 16.73 5.34 8.31
C SER A 283 17.97 5.46 7.44
N ASP A 284 18.99 4.61 7.67
CA ASP A 284 20.16 4.60 6.81
C ASP A 284 19.81 4.23 5.38
N ASP A 285 18.91 3.24 5.19
CA ASP A 285 18.47 2.90 3.84
C ASP A 285 17.88 4.10 3.13
N VAL A 286 17.03 4.85 3.82
CA VAL A 286 16.37 5.98 3.17
C VAL A 286 17.37 7.10 2.91
N SER A 287 18.28 7.36 3.85
CA SER A 287 19.32 8.35 3.59
C SER A 287 20.13 7.96 2.37
N SER A 288 20.48 6.68 2.24
CA SER A 288 21.24 6.23 1.07
C SER A 288 20.44 6.43 -0.21
N PHE A 289 19.16 6.09 -0.18
CA PHE A 289 18.30 6.26 -1.35
C PHE A 289 18.23 7.72 -1.77
N VAL A 290 18.00 8.61 -0.80
CA VAL A 290 17.90 10.03 -1.11
C VAL A 290 19.22 10.56 -1.65
N ASN A 291 20.33 10.17 -1.03
CA ASN A 291 21.64 10.62 -1.50
C ASN A 291 21.90 10.14 -2.92
N SER A 292 21.55 8.89 -3.21
CA SER A 292 21.77 8.35 -4.56
C SER A 292 20.89 9.02 -5.58
N LEU A 293 19.64 9.34 -5.22
CA LEU A 293 18.77 10.05 -6.16
C LEU A 293 19.28 11.46 -6.39
N TRP A 294 19.76 12.12 -5.33
CA TRP A 294 20.39 13.42 -5.48
C TRP A 294 21.54 13.37 -6.46
N SER A 295 22.42 12.36 -6.33
CA SER A 295 23.54 12.27 -7.28
C SER A 295 23.06 11.90 -8.67
N PHE A 296 22.03 11.06 -8.78
CA PHE A 296 21.53 10.62 -10.08
C PHE A 296 20.92 11.78 -10.85
N MET A 297 20.13 12.62 -10.17
CA MET A 297 19.53 13.78 -10.82
C MET A 297 20.53 14.89 -11.08
N GLU A 298 21.75 14.78 -10.53
CA GLU A 298 22.81 15.76 -10.75
C GLU A 298 22.36 17.16 -10.35
N TYR A 299 21.72 17.23 -9.17
CA TYR A 299 21.35 18.54 -8.64
C TYR A 299 22.58 19.35 -8.30
N LEU A 300 23.69 18.70 -7.96
CA LEU A 300 24.99 19.32 -8.07
C LEU A 300 25.49 19.05 -9.48
N GLU A 301 25.52 20.09 -10.30
CA GLU A 301 25.92 19.91 -11.69
C GLU A 301 27.37 19.47 -11.77
N HIS A 302 27.65 18.52 -12.65
CA HIS A 302 29.02 18.10 -12.83
C HIS A 302 29.85 19.22 -13.43
N HIS A 303 31.15 19.18 -13.13
CA HIS A 303 32.08 20.20 -13.60
C HIS A 303 32.03 20.32 -15.12
N HIS A 304 31.86 21.55 -15.60
CA HIS A 304 31.75 21.86 -17.03
C HIS A 304 30.60 21.11 -17.69
N HIS A 305 29.61 20.67 -16.92
CA HIS A 305 28.51 19.87 -17.43
C HIS A 305 29.03 18.61 -18.14
N HIS A 306 30.18 18.10 -17.67
CA HIS A 306 30.83 16.93 -18.24
C HIS A 306 30.81 15.82 -17.19
N HIS A 307 30.20 14.70 -17.53
CA HIS A 307 29.99 13.66 -16.52
C HIS A 307 31.29 13.17 -15.91
O1 TLA B . 5.04 0.52 -7.39
O11 TLA B . 3.30 0.63 -8.69
C1 TLA B . 4.30 0.00 -8.25
C2 TLA B . 4.59 -1.42 -8.74
O2 TLA B . 3.68 -1.74 -9.77
C3 TLA B . 4.43 -2.37 -7.54
O3 TLA B . 3.14 -2.31 -7.02
C4 TLA B . 4.75 -3.82 -7.92
O4 TLA B . 5.88 -4.11 -8.38
O41 TLA B . 3.86 -4.70 -7.77
#